data_7DNO
#
_entry.id   7DNO
#
_cell.length_a   46.735
_cell.length_b   53.912
_cell.length_c   64.788
_cell.angle_alpha   69.817
_cell.angle_beta   88.790
_cell.angle_gamma   74.163
#
_symmetry.space_group_name_H-M   'P 1'
#
loop_
_entity.id
_entity.type
_entity.pdbx_description
1 polymer 'WD repeat-containing protein 5'
2 polymer CYS-ARG-THR-LEU-PRO-PHE
3 water water
#
loop_
_entity_poly.entity_id
_entity_poly.type
_entity_poly.pdbx_seq_one_letter_code
_entity_poly.pdbx_strand_id
1 'polypeptide(L)'
;GMTQSKPTPVKPNYALKFTLAGHTKAVSSVKFSPNGEWLASSSADKLIKIWGAYDGKFEKTISGHKLGISDVAWSSDSNL
LVSASDDKTLKIWDVSSGKCLKTLKGHSNYVFCCNFNPQSNLIVSGSFDESVRIWDVKTGKCLKTLPAHSDPVSAVHFNR
DGSLIVSSSYDGLCRIWDTASGQCLKTLIDDDNPPVSFVKFSPNGKYILAATLDNTLKLWDYSKGKCLKTYTGHKNEKYC
IFANFSVTGGKWIVSGSEDNLVYIWNLQTKEIVQKLQGHTDVVISTACHPTENIIASAALENDKTIKLWKSDC
;
A,B
2 'polypeptide(L)' CRTLPFHEC C,D
#
# COMPACT_ATOMS: atom_id res chain seq x y z
N VAL A 10 7.17 -8.71 -26.71
CA VAL A 10 6.80 -8.67 -25.31
C VAL A 10 5.78 -7.57 -25.07
N LYS A 11 4.72 -7.92 -24.36
CA LYS A 11 3.58 -7.03 -24.17
C LYS A 11 2.92 -7.37 -22.85
N PRO A 12 2.33 -6.39 -22.18
CA PRO A 12 1.83 -6.63 -20.82
C PRO A 12 0.44 -7.25 -20.85
N ASN A 13 0.01 -7.69 -19.67
CA ASN A 13 -1.26 -8.37 -19.53
C ASN A 13 -2.06 -7.80 -18.36
N TYR A 14 -2.11 -6.48 -18.25
CA TYR A 14 -2.82 -5.81 -17.17
C TYR A 14 -4.25 -6.32 -17.06
N ALA A 15 -4.60 -6.84 -15.87
CA ALA A 15 -5.96 -7.29 -15.58
C ALA A 15 -6.52 -6.52 -14.39
N LEU A 16 -7.83 -6.27 -14.42
CA LEU A 16 -8.50 -5.52 -13.36
C LEU A 16 -8.39 -6.26 -12.03
N LYS A 17 -7.99 -5.55 -10.98
CA LYS A 17 -7.97 -6.09 -9.63
C LYS A 17 -8.98 -5.46 -8.69
N PHE A 18 -9.11 -4.14 -8.72
CA PHE A 18 -10.03 -3.48 -7.80
C PHE A 18 -10.68 -2.29 -8.49
N THR A 19 -11.91 -2.02 -8.09
CA THR A 19 -12.63 -0.81 -8.47
C THR A 19 -12.98 -0.07 -7.19
N LEU A 20 -12.58 1.18 -7.11
CA LEU A 20 -12.61 1.97 -5.89
C LEU A 20 -13.68 3.05 -6.06
N ALA A 21 -14.82 2.86 -5.40
CA ALA A 21 -15.93 3.81 -5.48
C ALA A 21 -15.95 4.66 -4.22
N GLY A 22 -16.44 5.89 -4.38
CA GLY A 22 -16.60 6.77 -3.24
C GLY A 22 -16.70 8.24 -3.60
N HIS A 23 -15.98 8.68 -4.64
CA HIS A 23 -16.14 10.04 -5.12
C HIS A 23 -17.55 10.22 -5.71
N THR A 24 -18.12 11.40 -5.49
CA THR A 24 -19.49 11.70 -5.92
C THR A 24 -19.55 12.64 -7.10
N LYS A 25 -18.40 13.11 -7.58
CA LYS A 25 -18.28 13.75 -8.87
C LYS A 25 -17.07 13.15 -9.58
N ALA A 26 -16.79 13.68 -10.76
CA ALA A 26 -15.66 13.22 -11.56
C ALA A 26 -14.38 13.14 -10.75
N VAL A 27 -13.58 12.17 -11.06
CA VAL A 27 -12.24 12.07 -10.49
C VAL A 27 -11.30 12.83 -11.41
N SER A 28 -10.35 13.55 -10.84
CA SER A 28 -9.46 14.36 -11.67
C SER A 28 -8.01 13.91 -11.66
N SER A 29 -7.53 13.22 -10.62
CA SER A 29 -6.14 12.82 -10.57
C SER A 29 -5.91 11.74 -9.53
N VAL A 30 -5.14 10.72 -9.89
CA VAL A 30 -4.66 9.72 -8.96
C VAL A 30 -3.13 9.68 -9.01
N LYS A 31 -2.50 9.47 -7.85
CA LYS A 31 -1.05 9.37 -7.73
C LYS A 31 -0.69 8.32 -6.69
N PHE A 32 0.27 7.45 -7.01
CA PHE A 32 0.80 6.55 -6.01
C PHE A 32 1.81 7.28 -5.13
N SER A 33 1.86 6.90 -3.85
CA SER A 33 2.86 7.47 -2.96
C SER A 33 4.24 6.93 -3.33
N PRO A 34 5.30 7.71 -3.10
CA PRO A 34 6.64 7.23 -3.47
C PRO A 34 7.04 5.93 -2.77
N ASN A 35 6.58 5.71 -1.53
CA ASN A 35 6.85 4.43 -0.88
C ASN A 35 5.92 3.31 -1.36
N GLY A 36 5.04 3.61 -2.32
CA GLY A 36 4.28 2.57 -2.98
C GLY A 36 3.05 2.10 -2.26
N GLU A 37 2.83 2.53 -1.02
CA GLU A 37 1.80 1.93 -0.19
C GLU A 37 0.43 2.53 -0.39
N TRP A 38 0.34 3.75 -0.96
CA TRP A 38 -0.93 4.46 -1.03
C TRP A 38 -1.24 4.91 -2.45
N LEU A 39 -2.53 5.02 -2.74
CA LEU A 39 -3.00 5.77 -3.87
C LEU A 39 -3.80 6.93 -3.34
N ALA A 40 -3.52 8.13 -3.85
CA ALA A 40 -4.28 9.32 -3.54
C ALA A 40 -5.10 9.69 -4.76
N SER A 41 -6.34 10.11 -4.53
CA SER A 41 -7.26 10.51 -5.59
C SER A 41 -7.85 11.88 -5.26
N SER A 42 -7.98 12.73 -6.26
CA SER A 42 -8.58 14.04 -6.11
C SER A 42 -9.78 14.16 -7.06
N SER A 43 -10.72 15.02 -6.71
CA SER A 43 -11.96 14.95 -7.47
C SER A 43 -12.62 16.31 -7.56
N ALA A 44 -13.49 16.45 -8.57
CA ALA A 44 -14.38 17.60 -8.66
C ALA A 44 -15.25 17.76 -7.42
N ASP A 45 -15.44 16.70 -6.61
CA ASP A 45 -16.25 16.76 -5.40
C ASP A 45 -15.56 17.45 -4.24
N LYS A 46 -14.46 18.16 -4.49
CA LYS A 46 -13.70 18.95 -3.52
C LYS A 46 -12.94 18.10 -2.52
N LEU A 47 -12.80 16.81 -2.76
CA LEU A 47 -12.25 15.91 -1.75
C LEU A 47 -11.02 15.18 -2.29
N ILE A 48 -10.14 14.82 -1.36
CA ILE A 48 -9.07 13.86 -1.60
C ILE A 48 -9.43 12.59 -0.85
N LYS A 49 -9.27 11.43 -1.50
CA LYS A 49 -9.38 10.14 -0.82
C LYS A 49 -8.04 9.41 -0.89
N ILE A 50 -7.78 8.60 0.14
CA ILE A 50 -6.56 7.80 0.27
C ILE A 50 -6.98 6.34 0.24
N TRP A 51 -6.25 5.53 -0.52
CA TRP A 51 -6.58 4.14 -0.73
C TRP A 51 -5.33 3.31 -0.60
N GLY A 52 -5.49 2.07 -0.13
CA GLY A 52 -4.38 1.12 -0.11
C GLY A 52 -4.05 0.67 -1.52
N ALA A 53 -2.76 0.72 -1.89
CA ALA A 53 -2.39 0.45 -3.28
C ALA A 53 -2.54 -1.02 -3.65
N TYR A 54 -2.45 -1.92 -2.68
CA TYR A 54 -2.36 -3.35 -2.95
C TYR A 54 -3.63 -4.11 -2.62
N ASP A 55 -4.45 -3.64 -1.68
CA ASP A 55 -5.74 -4.26 -1.40
C ASP A 55 -6.93 -3.38 -1.76
N GLY A 56 -6.70 -2.16 -2.26
CA GLY A 56 -7.82 -1.31 -2.64
C GLY A 56 -8.60 -0.71 -1.48
N LYS A 57 -8.16 -0.92 -0.25
CA LYS A 57 -8.98 -0.62 0.92
C LYS A 57 -8.99 0.90 1.14
N PHE A 58 -10.20 1.47 1.14
CA PHE A 58 -10.38 2.87 1.47
C PHE A 58 -9.78 3.16 2.84
N GLU A 59 -9.06 4.28 2.94
CA GLU A 59 -8.38 4.63 4.18
C GLU A 59 -8.93 5.89 4.83
N LYS A 60 -9.08 6.99 4.08
CA LYS A 60 -9.63 8.19 4.68
C LYS A 60 -10.00 9.18 3.57
N THR A 61 -10.85 10.13 3.94
CA THR A 61 -11.19 11.28 3.10
C THR A 61 -10.52 12.51 3.68
N ILE A 62 -10.03 13.39 2.80
CA ILE A 62 -9.41 14.63 3.22
C ILE A 62 -10.15 15.80 2.59
N SER A 63 -10.58 16.76 3.41
CA SER A 63 -11.48 17.80 2.94
C SER A 63 -11.05 19.18 3.44
N GLY A 64 -11.49 20.21 2.72
CA GLY A 64 -11.21 21.57 3.15
C GLY A 64 -11.28 22.58 2.02
N HIS A 65 -10.96 22.15 0.81
CA HIS A 65 -11.11 23.02 -0.34
C HIS A 65 -12.58 23.38 -0.52
N LYS A 66 -12.80 24.61 -0.97
CA LYS A 66 -14.13 25.17 -1.17
C LYS A 66 -14.69 24.90 -2.57
N LEU A 67 -13.86 24.44 -3.50
CA LEU A 67 -14.28 24.11 -4.86
C LEU A 67 -13.50 22.88 -5.31
N GLY A 68 -13.74 22.44 -6.54
CA GLY A 68 -13.17 21.20 -7.01
C GLY A 68 -11.65 21.24 -7.11
N ILE A 69 -11.07 20.04 -7.09
CA ILE A 69 -9.62 19.85 -7.11
C ILE A 69 -9.21 19.18 -8.42
N SER A 70 -8.24 19.78 -9.11
CA SER A 70 -7.79 19.30 -10.41
C SER A 70 -6.55 18.41 -10.34
N ASP A 71 -5.81 18.42 -9.24
CA ASP A 71 -4.56 17.67 -9.19
C ASP A 71 -4.15 17.47 -7.73
N VAL A 72 -3.25 16.53 -7.54
CA VAL A 72 -2.73 16.21 -6.22
C VAL A 72 -1.35 15.61 -6.44
N ALA A 73 -0.49 15.70 -5.43
CA ALA A 73 0.85 15.13 -5.56
C ALA A 73 1.44 14.93 -4.18
N TRP A 74 2.43 14.02 -4.10
CA TRP A 74 3.03 13.55 -2.86
C TRP A 74 4.46 14.09 -2.69
N SER A 75 4.81 14.43 -1.44
CA SER A 75 6.18 14.68 -1.04
C SER A 75 6.99 13.38 -1.10
N SER A 76 8.31 13.55 -1.20
CA SER A 76 9.15 12.39 -1.48
C SER A 76 9.16 11.39 -0.32
N ASP A 77 8.87 11.84 0.90
CA ASP A 77 8.85 10.93 2.04
C ASP A 77 7.47 10.28 2.25
N SER A 78 6.48 10.59 1.41
CA SER A 78 5.13 10.02 1.46
C SER A 78 4.32 10.54 2.64
N ASN A 79 4.73 11.63 3.27
CA ASN A 79 4.01 12.12 4.43
C ASN A 79 3.11 13.32 4.13
N LEU A 80 3.38 14.01 3.02
CA LEU A 80 2.64 15.20 2.66
C LEU A 80 1.94 15.02 1.32
N LEU A 81 0.77 15.65 1.19
CA LEU A 81 0.12 15.84 -0.09
C LEU A 81 -0.03 17.32 -0.36
N VAL A 82 -0.07 17.70 -1.63
CA VAL A 82 -0.48 19.05 -2.01
C VAL A 82 -1.60 18.94 -3.05
N SER A 83 -2.61 19.77 -2.91
CA SER A 83 -3.75 19.75 -3.83
C SER A 83 -3.88 21.10 -4.52
N ALA A 84 -4.29 21.08 -5.79
CA ALA A 84 -4.59 22.28 -6.55
C ALA A 84 -6.10 22.38 -6.82
N SER A 85 -6.70 23.53 -6.49
CA SER A 85 -8.16 23.63 -6.51
C SER A 85 -8.67 24.85 -7.26
N ASP A 86 -9.93 24.75 -7.65
CA ASP A 86 -10.65 25.88 -8.23
C ASP A 86 -10.83 27.03 -7.27
N ASP A 87 -10.75 26.78 -5.96
CA ASP A 87 -10.88 27.89 -5.03
C ASP A 87 -9.65 28.84 -5.05
N LYS A 88 -8.76 28.59 -6.03
CA LYS A 88 -7.58 29.38 -6.37
C LYS A 88 -6.44 29.14 -5.40
N THR A 89 -6.56 28.17 -4.50
CA THR A 89 -5.47 27.88 -3.58
C THR A 89 -4.86 26.52 -3.87
N LEU A 90 -3.65 26.32 -3.36
CA LEU A 90 -3.17 24.98 -3.08
C LEU A 90 -3.23 24.75 -1.58
N LYS A 91 -3.34 23.48 -1.16
CA LYS A 91 -3.26 23.15 0.25
C LYS A 91 -2.24 22.05 0.48
N ILE A 92 -1.49 22.16 1.58
CA ILE A 92 -0.54 21.14 1.99
C ILE A 92 -1.17 20.34 3.11
N TRP A 93 -1.17 19.02 2.95
CA TRP A 93 -1.86 18.12 3.87
C TRP A 93 -0.86 17.20 4.55
N ASP A 94 -1.02 17.05 5.86
CA ASP A 94 -0.41 15.95 6.59
C ASP A 94 -1.26 14.72 6.34
N VAL A 95 -0.68 13.70 5.71
CA VAL A 95 -1.48 12.56 5.33
C VAL A 95 -1.97 11.79 6.56
N SER A 96 -1.09 11.59 7.55
CA SER A 96 -1.44 10.82 8.74
C SER A 96 -2.66 11.40 9.45
N SER A 97 -2.67 12.71 9.67
CA SER A 97 -3.70 13.35 10.47
C SER A 97 -4.85 13.91 9.66
N GLY A 98 -4.66 14.09 8.34
CA GLY A 98 -5.65 14.71 7.50
C GLY A 98 -5.73 16.22 7.58
N LYS A 99 -4.97 16.85 8.49
CA LYS A 99 -5.04 18.30 8.67
C LYS A 99 -4.42 19.06 7.52
N CYS A 100 -5.03 20.19 7.18
CA CYS A 100 -4.41 21.16 6.29
C CYS A 100 -3.30 21.90 7.03
N LEU A 101 -2.06 21.71 6.60
CA LEU A 101 -0.95 22.38 7.25
C LEU A 101 -0.77 23.81 6.75
N LYS A 102 -0.97 24.05 5.45
CA LYS A 102 -0.81 25.39 4.90
C LYS A 102 -1.81 25.59 3.77
N THR A 103 -2.21 26.85 3.54
CA THR A 103 -3.00 27.20 2.36
C THR A 103 -2.20 28.21 1.56
N LEU A 104 -1.96 27.88 0.29
CA LEU A 104 -1.04 28.61 -0.58
C LEU A 104 -1.87 29.54 -1.45
N LYS A 105 -1.85 30.83 -1.10
CA LYS A 105 -2.65 31.83 -1.79
C LYS A 105 -1.77 32.75 -2.63
N GLY A 106 -2.31 33.19 -3.74
CA GLY A 106 -1.59 34.04 -4.66
C GLY A 106 -2.08 33.92 -6.09
N HIS A 107 -2.41 32.72 -6.55
CA HIS A 107 -2.95 32.59 -7.89
C HIS A 107 -4.25 33.37 -8.00
N SER A 108 -4.50 33.93 -9.19
CA SER A 108 -5.67 34.76 -9.42
C SER A 108 -6.73 34.06 -10.25
N ASN A 109 -6.55 32.78 -10.55
CA ASN A 109 -7.55 31.96 -11.21
C ASN A 109 -7.33 30.54 -10.71
N TYR A 110 -7.94 29.56 -11.36
CA TYR A 110 -8.00 28.39 -10.49
C TYR A 110 -6.69 27.66 -10.73
N VAL A 111 -6.32 26.79 -9.79
CA VAL A 111 -5.03 26.09 -9.87
C VAL A 111 -5.28 24.72 -10.46
N PHE A 112 -4.50 24.37 -11.47
CA PHE A 112 -4.75 23.23 -12.33
C PHE A 112 -3.82 22.06 -12.07
N CYS A 113 -2.58 22.33 -11.68
CA CYS A 113 -1.55 21.30 -11.61
C CYS A 113 -0.52 21.67 -10.54
N CYS A 114 0.12 20.64 -9.98
CA CYS A 114 1.04 20.80 -8.87
C CYS A 114 1.91 19.56 -8.75
N ASN A 115 3.06 19.75 -8.08
CA ASN A 115 4.12 18.77 -7.84
C ASN A 115 5.10 19.27 -6.78
N PHE A 116 5.59 18.34 -5.96
CA PHE A 116 6.75 18.57 -5.13
C PHE A 116 8.02 18.34 -5.94
N ASN A 117 9.10 18.99 -5.53
CA ASN A 117 10.41 18.65 -6.07
C ASN A 117 11.00 17.48 -5.30
N PRO A 118 12.05 16.82 -5.80
CA PRO A 118 12.58 15.67 -5.09
C PRO A 118 12.98 15.98 -3.66
N GLN A 119 13.54 17.18 -3.41
CA GLN A 119 13.90 17.52 -2.04
C GLN A 119 12.66 17.67 -1.19
N SER A 120 11.53 17.99 -1.83
CA SER A 120 10.25 18.21 -1.19
C SER A 120 10.28 19.41 -0.25
N ASN A 121 11.18 20.35 -0.50
CA ASN A 121 11.10 21.66 0.16
C ASN A 121 10.43 22.71 -0.71
N LEU A 122 10.18 22.40 -1.98
CA LEU A 122 9.47 23.30 -2.89
C LEU A 122 8.24 22.64 -3.47
N ILE A 123 7.27 23.47 -3.85
CA ILE A 123 6.10 23.06 -4.63
C ILE A 123 5.99 23.94 -5.86
N VAL A 124 5.75 23.32 -7.01
CA VAL A 124 5.47 24.04 -8.25
C VAL A 124 3.99 23.90 -8.57
N SER A 125 3.42 24.95 -9.17
CA SER A 125 2.01 24.97 -9.48
C SER A 125 1.77 25.73 -10.77
N GLY A 126 0.72 25.34 -11.48
CA GLY A 126 0.30 26.04 -12.67
C GLY A 126 -1.21 26.36 -12.59
N SER A 127 -1.57 27.51 -13.14
CA SER A 127 -2.94 28.00 -12.95
C SER A 127 -3.54 28.43 -14.30
N PHE A 128 -4.89 28.54 -14.32
CA PHE A 128 -5.49 29.26 -15.42
C PHE A 128 -5.06 30.71 -15.50
N ASP A 129 -4.58 31.31 -14.40
CA ASP A 129 -4.10 32.68 -14.49
C ASP A 129 -2.85 32.82 -15.37
N GLU A 130 -2.35 31.70 -15.91
CA GLU A 130 -1.33 31.56 -16.97
C GLU A 130 0.07 31.59 -16.38
N SER A 131 0.22 31.64 -15.06
CA SER A 131 1.52 31.69 -14.40
C SER A 131 1.89 30.35 -13.78
N VAL A 132 3.20 30.16 -13.58
CA VAL A 132 3.73 29.06 -12.81
C VAL A 132 4.27 29.65 -11.51
N ARG A 133 3.98 29.01 -10.40
CA ARG A 133 4.46 29.50 -9.11
C ARG A 133 5.27 28.44 -8.37
N ILE A 134 6.29 28.89 -7.66
CA ILE A 134 7.15 28.05 -6.84
C ILE A 134 6.95 28.46 -5.38
N TRP A 135 6.62 27.49 -4.51
CA TRP A 135 6.26 27.77 -3.14
C TRP A 135 7.22 27.10 -2.15
N ASP A 136 7.40 27.74 -1.00
CA ASP A 136 8.15 27.14 0.11
C ASP A 136 7.25 26.23 0.92
N VAL A 137 7.56 24.93 0.94
CA VAL A 137 6.74 23.97 1.68
C VAL A 137 6.62 24.38 3.15
N LYS A 138 7.75 24.72 3.77
CA LYS A 138 7.76 24.91 5.22
C LYS A 138 6.93 26.11 5.66
N THR A 139 7.02 27.22 4.94
CA THR A 139 6.29 28.44 5.30
C THR A 139 4.98 28.61 4.56
N GLY A 140 4.78 27.92 3.44
CA GLY A 140 3.62 28.16 2.62
C GLY A 140 3.65 29.45 1.84
N LYS A 141 4.82 30.08 1.70
CA LYS A 141 4.89 31.36 1.05
C LYS A 141 5.35 31.21 -0.39
N CYS A 142 4.89 32.14 -1.24
CA CYS A 142 5.29 32.14 -2.64
C CYS A 142 6.72 32.67 -2.74
N LEU A 143 7.58 31.90 -3.39
CA LEU A 143 8.95 32.36 -3.62
C LEU A 143 9.11 33.04 -4.99
N LYS A 144 8.50 32.47 -6.03
CA LYS A 144 8.64 33.01 -7.37
C LYS A 144 7.32 32.80 -8.11
N THR A 145 6.93 33.83 -8.85
CA THR A 145 5.86 33.76 -9.84
C THR A 145 6.51 33.89 -11.21
N LEU A 146 6.28 32.90 -12.06
CA LEU A 146 6.87 32.90 -13.39
C LEU A 146 5.80 33.23 -14.39
N PRO A 147 5.95 34.31 -15.18
CA PRO A 147 4.95 34.61 -16.22
C PRO A 147 5.10 33.64 -17.38
N ALA A 148 4.66 32.40 -17.18
CA ALA A 148 5.22 31.30 -17.94
C ALA A 148 4.59 31.13 -19.31
N HIS A 149 3.35 31.55 -19.47
CA HIS A 149 2.57 31.18 -20.64
C HIS A 149 1.55 32.27 -20.93
N SER A 150 0.87 32.15 -22.08
CA SER A 150 -0.14 33.11 -22.51
C SER A 150 -1.52 32.46 -22.62
N ASP A 151 -1.73 31.43 -21.81
CA ASP A 151 -2.95 30.64 -21.75
C ASP A 151 -2.85 29.72 -20.51
N PRO A 152 -3.97 29.14 -20.06
CA PRO A 152 -3.89 28.17 -18.94
C PRO A 152 -2.75 27.18 -18.98
N VAL A 153 -2.10 27.00 -17.84
CA VAL A 153 -0.99 26.07 -17.69
C VAL A 153 -1.54 24.69 -17.33
N SER A 154 -1.32 23.71 -18.21
CA SER A 154 -1.93 22.39 -18.06
C SER A 154 -1.10 21.42 -17.21
N ALA A 155 0.20 21.66 -17.04
CA ALA A 155 1.02 20.71 -16.28
C ALA A 155 2.30 21.40 -15.83
N VAL A 156 2.83 20.92 -14.70
CA VAL A 156 4.14 21.33 -14.20
C VAL A 156 4.82 20.09 -13.62
N HIS A 157 6.14 20.03 -13.77
CA HIS A 157 6.86 18.84 -13.34
C HIS A 157 8.33 19.17 -13.10
N PHE A 158 8.85 18.72 -11.95
CA PHE A 158 10.27 18.82 -11.61
C PHE A 158 11.04 17.64 -12.20
N ASN A 159 12.26 17.89 -12.64
CA ASN A 159 13.08 16.79 -13.12
C ASN A 159 13.65 16.01 -11.94
N ARG A 160 14.50 15.02 -12.26
CA ARG A 160 14.92 14.01 -11.28
C ARG A 160 15.59 14.62 -10.06
N ASP A 161 16.26 15.76 -10.21
CA ASP A 161 16.90 16.38 -9.06
C ASP A 161 16.34 17.76 -8.72
N GLY A 162 15.25 18.16 -9.36
CA GLY A 162 14.62 19.41 -9.04
C GLY A 162 15.30 20.64 -9.59
N SER A 163 16.39 20.47 -10.34
CA SER A 163 17.06 21.61 -10.96
C SER A 163 16.21 22.28 -12.03
N LEU A 164 15.30 21.53 -12.67
CA LEU A 164 14.49 22.04 -13.77
C LEU A 164 13.01 21.81 -13.50
N ILE A 165 12.19 22.69 -14.08
CA ILE A 165 10.74 22.55 -14.16
C ILE A 165 10.34 22.58 -15.63
N VAL A 166 9.49 21.64 -16.05
CA VAL A 166 8.87 21.69 -17.37
C VAL A 166 7.39 22.06 -17.19
N SER A 167 6.91 23.00 -18.02
CA SER A 167 5.52 23.43 -18.00
C SER A 167 4.91 23.25 -19.39
N SER A 168 3.59 23.32 -19.45
CA SER A 168 2.86 23.20 -20.71
C SER A 168 1.59 24.02 -20.61
N SER A 169 1.04 24.38 -21.76
CA SER A 169 -0.09 25.29 -21.75
C SER A 169 -0.94 25.08 -22.98
N TYR A 170 -2.17 25.55 -22.89
CA TYR A 170 -3.03 25.63 -24.06
C TYR A 170 -2.46 26.54 -25.14
N ASP A 171 -1.47 27.37 -24.79
CA ASP A 171 -0.87 28.28 -25.77
C ASP A 171 -0.02 27.55 -26.81
N GLY A 172 0.23 26.26 -26.63
CA GLY A 172 0.94 25.47 -27.61
C GLY A 172 2.38 25.18 -27.29
N LEU A 173 2.89 25.68 -26.17
CA LEU A 173 4.30 25.52 -25.81
C LEU A 173 4.51 24.57 -24.63
N CYS A 174 5.71 23.99 -24.58
CA CYS A 174 6.31 23.51 -23.34
C CYS A 174 7.55 24.34 -23.08
N ARG A 175 7.71 24.84 -21.86
CA ARG A 175 8.94 25.53 -21.50
C ARG A 175 9.64 24.81 -20.35
N ILE A 176 10.98 24.89 -20.36
CA ILE A 176 11.82 24.33 -19.32
C ILE A 176 12.44 25.49 -18.55
N TRP A 177 12.23 25.50 -17.24
CA TRP A 177 12.66 26.59 -16.38
C TRP A 177 13.79 26.09 -15.49
N ASP A 178 14.74 26.99 -15.22
CA ASP A 178 15.74 26.74 -14.20
C ASP A 178 15.12 27.10 -12.87
N THR A 179 15.08 26.14 -11.93
CA THR A 179 14.33 26.32 -10.70
C THR A 179 14.90 27.45 -9.84
N ALA A 180 16.23 27.49 -9.70
CA ALA A 180 16.82 28.43 -8.76
C ALA A 180 16.59 29.87 -9.20
N SER A 181 16.60 30.12 -10.51
CA SER A 181 16.49 31.47 -11.04
C SER A 181 15.10 31.80 -11.58
N GLY A 182 14.26 30.80 -11.83
CA GLY A 182 13.01 31.05 -12.50
C GLY A 182 13.15 31.48 -13.94
N GLN A 183 14.36 31.49 -14.48
CA GLN A 183 14.57 31.89 -15.86
C GLN A 183 14.29 30.71 -16.80
N CYS A 184 13.82 31.04 -18.00
CA CYS A 184 13.46 30.04 -19.00
C CYS A 184 14.71 29.55 -19.70
N LEU A 185 14.88 28.23 -19.73
CA LEU A 185 15.99 27.64 -20.46
C LEU A 185 15.62 27.32 -21.92
N LYS A 186 14.51 26.62 -22.16
CA LYS A 186 14.15 26.16 -23.49
C LYS A 186 12.65 26.25 -23.72
N THR A 187 12.27 26.36 -24.99
CA THR A 187 10.89 26.40 -25.43
C THR A 187 10.77 25.48 -26.63
N LEU A 188 10.23 24.27 -26.43
CA LEU A 188 9.97 23.39 -27.58
C LEU A 188 8.77 23.89 -28.37
N ILE A 189 8.95 23.98 -29.69
CA ILE A 189 7.90 24.48 -30.56
C ILE A 189 7.58 23.45 -31.65
N ASP A 191 6.83 22.27 -35.22
CA ASP A 191 6.15 22.34 -36.50
C ASP A 191 4.86 23.17 -36.39
N ASP A 192 4.05 22.88 -35.38
CA ASP A 192 2.77 23.56 -35.16
C ASP A 192 2.62 23.83 -33.66
N ASN A 193 1.45 24.34 -33.26
CA ASN A 193 1.16 24.59 -31.84
C ASN A 193 -0.29 24.27 -31.50
N PRO A 194 -0.67 23.00 -31.55
CA PRO A 194 -1.92 22.60 -30.91
C PRO A 194 -1.78 22.75 -29.40
N PRO A 195 -2.88 22.92 -28.67
CA PRO A 195 -2.79 23.04 -27.21
C PRO A 195 -2.04 21.86 -26.61
N VAL A 196 -1.11 22.16 -25.70
CA VAL A 196 -0.39 21.12 -24.98
C VAL A 196 -1.12 20.88 -23.66
N SER A 197 -1.57 19.65 -23.48
CA SER A 197 -2.47 19.27 -22.40
C SER A 197 -1.78 18.52 -21.26
N PHE A 198 -0.53 18.11 -21.42
CA PHE A 198 0.20 17.47 -20.35
C PHE A 198 1.67 17.35 -20.74
N VAL A 199 2.54 17.42 -19.74
CA VAL A 199 3.96 17.19 -19.98
C VAL A 199 4.61 16.67 -18.71
N LYS A 200 5.64 15.83 -18.87
CA LYS A 200 6.43 15.44 -17.71
C LYS A 200 7.77 14.88 -18.17
N PHE A 201 8.73 14.93 -17.26
CA PHE A 201 10.05 14.39 -17.49
C PHE A 201 10.04 12.86 -17.38
N SER A 202 10.98 12.21 -18.07
CA SER A 202 11.24 10.80 -17.85
C SER A 202 11.96 10.59 -16.52
N PRO A 203 11.93 9.38 -15.96
CA PRO A 203 12.65 9.14 -14.70
C PRO A 203 14.11 9.58 -14.74
N ASN A 204 14.85 9.29 -15.80
CA ASN A 204 16.24 9.75 -15.85
C ASN A 204 16.37 11.23 -16.18
N GLY A 205 15.25 11.93 -16.43
CA GLY A 205 15.30 13.35 -16.72
C GLY A 205 15.80 13.72 -18.09
N LYS A 206 16.09 12.75 -18.96
CA LYS A 206 16.66 13.09 -20.26
C LYS A 206 15.58 13.53 -21.25
N TYR A 207 14.41 12.90 -21.21
CA TYR A 207 13.35 13.16 -22.16
C TYR A 207 12.14 13.78 -21.47
N ILE A 208 11.26 14.36 -22.27
CA ILE A 208 9.97 14.83 -21.76
C ILE A 208 8.87 14.25 -22.64
N LEU A 209 7.77 13.82 -22.01
CA LEU A 209 6.60 13.32 -22.71
C LEU A 209 5.54 14.41 -22.70
N ALA A 210 5.06 14.78 -23.88
CA ALA A 210 4.09 15.86 -24.02
C ALA A 210 2.90 15.38 -24.81
N ALA A 211 1.70 15.73 -24.33
CA ALA A 211 0.45 15.43 -25.01
C ALA A 211 -0.14 16.71 -25.56
N THR A 212 -0.63 16.63 -26.80
CA THR A 212 -1.32 17.75 -27.43
C THR A 212 -2.75 17.32 -27.73
N LEU A 213 -3.63 18.32 -27.85
CA LEU A 213 -5.05 18.00 -28.02
C LEU A 213 -5.40 17.67 -29.48
N ASP A 214 -4.44 17.09 -30.20
CA ASP A 214 -4.66 16.51 -31.52
C ASP A 214 -4.46 15.00 -31.47
N ASN A 215 -4.87 14.38 -30.35
CA ASN A 215 -4.78 12.92 -30.16
C ASN A 215 -3.35 12.42 -30.29
N THR A 216 -2.39 13.16 -29.73
CA THR A 216 -0.99 12.87 -29.98
C THR A 216 -0.19 12.98 -28.68
N LEU A 217 0.66 12.00 -28.44
CA LEU A 217 1.70 12.05 -27.43
C LEU A 217 3.05 12.08 -28.13
N LYS A 218 4.00 12.80 -27.55
CA LYS A 218 5.31 12.89 -28.19
C LYS A 218 6.41 12.81 -27.14
N LEU A 219 7.48 12.13 -27.51
CA LEU A 219 8.66 11.97 -26.67
C LEU A 219 9.78 12.84 -27.23
N TRP A 220 10.22 13.82 -26.44
CA TRP A 220 11.22 14.78 -26.86
C TRP A 220 12.53 14.53 -26.14
N ASP A 221 13.64 14.68 -26.87
CA ASP A 221 14.94 14.80 -26.25
C ASP A 221 15.07 16.23 -25.73
N TYR A 222 15.31 16.37 -24.43
CA TYR A 222 15.33 17.72 -23.85
C TYR A 222 16.57 18.49 -24.30
N SER A 223 17.73 17.85 -24.32
CA SER A 223 18.95 18.50 -24.79
C SER A 223 18.77 19.12 -26.18
N LYS A 224 18.59 18.28 -27.21
CA LYS A 224 18.52 18.78 -28.59
C LYS A 224 17.18 19.40 -28.97
N GLY A 225 16.17 19.30 -28.12
CA GLY A 225 14.85 19.72 -28.52
C GLY A 225 14.36 19.07 -29.80
N LYS A 226 14.38 17.74 -29.84
CA LYS A 226 13.94 16.98 -31.01
C LYS A 226 12.90 15.95 -30.58
N CYS A 227 11.90 15.75 -31.45
CA CYS A 227 10.85 14.77 -31.20
C CYS A 227 11.33 13.38 -31.63
N LEU A 228 11.42 12.46 -30.67
CA LEU A 228 11.95 11.13 -30.94
C LEU A 228 10.87 10.11 -31.28
N LYS A 229 9.66 10.25 -30.72
CA LYS A 229 8.61 9.27 -30.96
C LYS A 229 7.26 9.99 -30.91
N THR A 230 6.30 9.46 -31.66
CA THR A 230 4.92 9.90 -31.54
C THR A 230 4.03 8.68 -31.32
N TYR A 231 3.18 8.76 -30.31
CA TYR A 231 2.19 7.72 -30.01
C TYR A 231 0.81 8.27 -30.30
N THR A 232 0.02 7.52 -31.07
CA THR A 232 -1.32 7.94 -31.47
C THR A 232 -2.25 6.74 -31.41
N GLY A 233 -3.51 6.97 -31.77
CA GLY A 233 -4.52 5.95 -31.79
C GLY A 233 -5.47 6.02 -30.61
N HIS A 234 -5.08 6.75 -29.57
CA HIS A 234 -5.98 7.12 -28.48
C HIS A 234 -6.79 8.33 -28.91
N LYS A 235 -7.70 8.80 -28.04
CA LYS A 235 -8.51 9.97 -28.34
C LYS A 235 -8.26 11.02 -27.28
N ASN A 236 -7.78 12.20 -27.72
CA ASN A 236 -7.48 13.27 -26.78
C ASN A 236 -7.63 14.63 -27.51
N GLU A 237 -8.82 15.21 -27.42
CA GLU A 237 -9.04 16.53 -27.98
C GLU A 237 -9.68 17.52 -27.04
N LYS A 238 -10.08 17.10 -25.83
CA LYS A 238 -10.80 18.02 -24.96
C LYS A 238 -10.21 18.13 -23.56
N TYR A 239 -9.63 17.05 -23.04
CA TYR A 239 -9.23 17.01 -21.63
C TYR A 239 -7.71 16.95 -21.46
N CYS A 240 -7.25 17.49 -20.33
CA CYS A 240 -5.85 17.37 -19.94
C CYS A 240 -5.68 16.05 -19.20
N ILE A 241 -5.32 15.01 -19.97
CA ILE A 241 -5.18 13.63 -19.49
C ILE A 241 -3.73 13.37 -19.09
N PHE A 242 -3.52 12.69 -17.96
CA PHE A 242 -2.18 12.36 -17.50
C PHE A 242 -1.60 11.20 -18.31
N ALA A 243 -0.31 11.29 -18.64
CA ALA A 243 0.45 10.17 -19.19
C ALA A 243 1.65 9.87 -18.30
N ASN A 244 2.30 8.72 -18.54
CA ASN A 244 3.32 8.21 -17.64
C ASN A 244 4.34 7.38 -18.41
N PHE A 245 5.54 7.32 -17.86
CA PHE A 245 6.50 6.28 -18.18
C PHE A 245 6.27 5.11 -17.23
N SER A 246 6.02 3.94 -17.80
CA SER A 246 6.00 2.72 -17.00
C SER A 246 7.36 2.05 -17.16
N VAL A 247 8.05 1.85 -16.04
CA VAL A 247 9.44 1.39 -16.03
C VAL A 247 9.67 0.17 -15.15
N THR A 248 8.65 -0.32 -14.43
CA THR A 248 8.88 -1.43 -13.51
C THR A 248 9.01 -2.77 -14.21
N GLY A 249 8.33 -2.94 -15.34
CA GLY A 249 8.46 -4.14 -16.13
C GLY A 249 8.97 -3.82 -17.51
N GLY A 250 8.16 -4.12 -18.52
CA GLY A 250 8.43 -3.59 -19.84
C GLY A 250 8.42 -2.07 -19.83
N LYS A 251 9.07 -1.49 -20.83
CA LYS A 251 9.16 -0.03 -20.96
C LYS A 251 7.97 0.46 -21.77
N TRP A 252 6.98 1.02 -21.09
CA TRP A 252 5.76 1.44 -21.74
C TRP A 252 5.53 2.95 -21.61
N ILE A 253 4.65 3.46 -22.46
CA ILE A 253 3.96 4.72 -22.24
C ILE A 253 2.52 4.37 -21.90
N VAL A 254 1.95 5.09 -20.93
CA VAL A 254 0.59 4.81 -20.45
C VAL A 254 -0.20 6.12 -20.42
N SER A 255 -1.44 6.06 -20.89
CA SER A 255 -2.24 7.28 -20.91
C SER A 255 -3.71 6.93 -20.86
N GLY A 256 -4.49 7.84 -20.28
CA GLY A 256 -5.92 7.77 -20.40
C GLY A 256 -6.34 8.18 -21.80
N SER A 257 -7.64 8.25 -22.00
CA SER A 257 -8.15 8.51 -23.33
C SER A 257 -9.64 8.80 -23.24
N GLU A 258 -10.12 9.59 -24.18
CA GLU A 258 -11.50 10.04 -24.17
C GLU A 258 -12.47 8.99 -24.71
N ASP A 259 -11.98 7.84 -25.15
CA ASP A 259 -12.83 6.71 -25.52
C ASP A 259 -12.97 5.70 -24.38
N ASN A 260 -12.78 6.16 -23.13
CA ASN A 260 -13.00 5.39 -21.90
C ASN A 260 -12.02 4.22 -21.75
N LEU A 261 -10.87 4.25 -22.42
CA LEU A 261 -9.92 3.16 -22.35
C LEU A 261 -8.59 3.65 -21.80
N VAL A 262 -7.85 2.73 -21.19
CA VAL A 262 -6.45 2.99 -20.84
C VAL A 262 -5.59 2.46 -21.97
N TYR A 263 -4.74 3.32 -22.53
CA TYR A 263 -3.88 2.96 -23.64
C TYR A 263 -2.48 2.65 -23.14
N ILE A 264 -1.84 1.65 -23.74
CA ILE A 264 -0.47 1.31 -23.38
C ILE A 264 0.30 1.07 -24.68
N TRP A 265 1.47 1.70 -24.79
CA TRP A 265 2.30 1.63 -25.97
C TRP A 265 3.67 1.06 -25.61
N ASN A 266 4.26 0.33 -26.54
CA ASN A 266 5.69 0.12 -26.51
C ASN A 266 6.39 1.46 -26.71
N LEU A 267 7.24 1.85 -25.75
CA LEU A 267 7.94 3.12 -25.85
C LEU A 267 8.77 3.18 -27.13
N GLN A 268 9.37 2.05 -27.50
CA GLN A 268 10.32 2.02 -28.61
C GLN A 268 9.60 1.91 -29.94
N THR A 269 8.79 0.87 -30.10
CA THR A 269 8.16 0.63 -31.40
C THR A 269 6.96 1.52 -31.64
N LYS A 270 6.44 2.19 -30.60
CA LYS A 270 5.25 3.04 -30.65
C LYS A 270 3.98 2.26 -30.95
N GLU A 271 4.00 0.94 -30.77
CA GLU A 271 2.83 0.15 -31.01
C GLU A 271 1.94 0.13 -29.78
N ILE A 272 0.63 0.26 -30.00
CA ILE A 272 -0.35 0.05 -28.93
C ILE A 272 -0.29 -1.43 -28.55
N VAL A 273 0.17 -1.73 -27.33
CA VAL A 273 0.33 -3.13 -26.89
C VAL A 273 -0.77 -3.61 -25.95
N GLN A 274 -1.60 -2.72 -25.41
CA GLN A 274 -2.77 -3.14 -24.62
C GLN A 274 -3.70 -1.94 -24.44
N LYS A 275 -5.01 -2.21 -24.49
CA LYS A 275 -6.06 -1.26 -24.12
C LYS A 275 -6.92 -1.90 -23.05
N LEU A 276 -7.21 -1.13 -21.98
CA LEU A 276 -7.82 -1.67 -20.76
C LEU A 276 -9.27 -1.22 -20.72
N GLN A 277 -10.18 -2.17 -20.82
CA GLN A 277 -11.59 -1.82 -20.93
C GLN A 277 -12.14 -1.75 -19.51
N GLY A 278 -13.11 -0.90 -19.28
CA GLY A 278 -13.73 -1.01 -17.98
C GLY A 278 -14.46 0.24 -17.60
N HIS A 279 -13.75 1.36 -17.74
CA HIS A 279 -14.33 2.64 -17.40
C HIS A 279 -15.50 2.94 -18.32
N THR A 280 -16.47 3.68 -17.78
CA THR A 280 -17.64 4.10 -18.52
C THR A 280 -17.62 5.60 -18.82
N ASP A 281 -16.48 6.26 -18.62
CA ASP A 281 -16.33 7.65 -19.03
C ASP A 281 -14.86 7.91 -19.31
N VAL A 282 -14.57 9.13 -19.76
CA VAL A 282 -13.20 9.51 -20.11
C VAL A 282 -12.26 9.13 -18.99
N VAL A 283 -11.18 8.41 -19.33
CA VAL A 283 -10.11 8.13 -18.37
C VAL A 283 -9.22 9.37 -18.35
N ILE A 284 -9.43 10.23 -17.36
CA ILE A 284 -8.70 11.49 -17.28
C ILE A 284 -7.31 11.31 -16.67
N SER A 285 -7.07 10.21 -15.96
CA SER A 285 -5.85 10.12 -15.17
C SER A 285 -5.39 8.68 -15.10
N THR A 286 -4.08 8.49 -15.25
CA THR A 286 -3.46 7.21 -15.00
C THR A 286 -2.20 7.46 -14.19
N ALA A 287 -1.71 6.42 -13.54
CA ALA A 287 -0.49 6.50 -12.74
C ALA A 287 0.12 5.11 -12.66
N CYS A 288 1.45 5.06 -12.58
CA CYS A 288 2.19 3.82 -12.59
C CYS A 288 2.88 3.65 -11.25
N HIS A 289 2.67 2.49 -10.64
CA HIS A 289 3.25 2.20 -9.34
C HIS A 289 4.78 2.31 -9.40
N PRO A 290 5.44 2.79 -8.35
CA PRO A 290 6.92 2.93 -8.39
C PRO A 290 7.69 1.61 -8.43
N THR A 291 7.13 0.48 -7.96
CA THR A 291 7.93 -0.75 -7.90
C THR A 291 7.22 -1.97 -8.50
N GLU A 292 5.89 -2.00 -8.45
CA GLU A 292 5.12 -3.10 -9.00
C GLU A 292 4.53 -2.74 -10.36
N ASN A 293 4.18 -3.78 -11.13
CA ASN A 293 3.50 -3.56 -12.41
C ASN A 293 2.02 -3.35 -12.13
N ILE A 294 1.71 -2.15 -11.62
CA ILE A 294 0.35 -1.78 -11.28
C ILE A 294 0.02 -0.42 -11.87
N ILE A 295 -1.14 -0.33 -12.51
CA ILE A 295 -1.67 0.92 -13.05
C ILE A 295 -2.91 1.28 -12.25
N ALA A 296 -3.01 2.56 -11.88
CA ALA A 296 -4.26 3.14 -11.40
C ALA A 296 -4.83 4.03 -12.49
N SER A 297 -6.13 3.94 -12.72
CA SER A 297 -6.81 4.78 -13.70
C SER A 297 -8.04 5.41 -13.03
N ALA A 298 -8.57 6.47 -13.65
CA ALA A 298 -9.75 7.10 -13.09
C ALA A 298 -10.46 7.94 -14.16
N ALA A 299 -11.75 8.21 -13.92
CA ALA A 299 -12.69 8.56 -14.97
C ALA A 299 -13.63 9.69 -14.53
N LEU A 300 -14.31 10.28 -15.52
CA LEU A 300 -15.10 11.49 -15.31
C LEU A 300 -16.52 11.13 -14.83
N GLU A 301 -17.44 12.10 -14.89
CA GLU A 301 -18.60 12.12 -13.99
C GLU A 301 -19.55 10.94 -14.22
N ASN A 302 -19.59 10.36 -15.41
CA ASN A 302 -20.52 9.24 -15.57
C ASN A 302 -19.94 7.92 -15.11
N ASP A 303 -18.69 7.90 -14.66
CA ASP A 303 -18.03 6.74 -14.05
C ASP A 303 -17.64 7.00 -12.61
N LYS A 304 -16.85 8.04 -12.33
CA LYS A 304 -16.49 8.46 -10.98
C LYS A 304 -15.66 7.44 -10.21
N THR A 305 -15.15 6.40 -10.86
CA THR A 305 -14.41 5.40 -10.11
C THR A 305 -12.94 5.39 -10.51
N ILE A 306 -12.17 4.69 -9.67
CA ILE A 306 -10.77 4.42 -9.85
C ILE A 306 -10.61 2.92 -10.02
N LYS A 307 -9.75 2.51 -10.94
CA LYS A 307 -9.48 1.10 -11.14
C LYS A 307 -7.99 0.83 -10.94
N LEU A 308 -7.68 -0.21 -10.17
CA LEU A 308 -6.31 -0.70 -10.01
C LEU A 308 -6.15 -1.92 -10.90
N TRP A 309 -5.06 -1.96 -11.67
CA TRP A 309 -4.80 -3.03 -12.62
C TRP A 309 -3.42 -3.58 -12.37
N LYS A 310 -3.25 -4.90 -12.58
CA LYS A 310 -1.97 -5.56 -12.36
C LYS A 310 -1.55 -6.43 -13.55
N SER A 311 -0.26 -6.42 -13.85
CA SER A 311 0.34 -7.17 -14.96
C SER A 311 1.51 -8.00 -14.47
N ASP A 312 1.71 -9.17 -15.08
CA ASP A 312 2.88 -9.99 -14.76
C ASP A 312 4.18 -9.42 -15.29
N CYS A 313 4.12 -8.37 -16.10
CA CYS A 313 5.32 -7.83 -16.72
C CYS A 313 5.11 -6.40 -17.18
N VAL B 10 -14.33 4.55 26.77
CA VAL B 10 -14.87 3.62 25.79
C VAL B 10 -14.48 2.19 26.23
N LYS B 11 -15.38 1.23 26.03
CA LYS B 11 -15.01 -0.17 26.13
C LYS B 11 -15.82 -0.90 25.00
N PRO B 12 -15.22 -1.94 24.44
CA PRO B 12 -15.94 -2.68 23.38
C PRO B 12 -16.94 -3.63 24.01
N ASN B 13 -17.64 -4.39 23.18
CA ASN B 13 -18.64 -5.33 23.67
C ASN B 13 -18.66 -6.57 22.79
N TYR B 14 -17.48 -7.15 22.54
CA TYR B 14 -17.42 -8.34 21.71
C TYR B 14 -18.26 -9.45 22.31
N ALA B 15 -19.20 -9.96 21.52
CA ALA B 15 -20.05 -11.06 21.90
C ALA B 15 -19.85 -12.19 20.92
N LEU B 16 -19.93 -13.41 21.42
CA LEU B 16 -19.74 -14.57 20.58
C LEU B 16 -20.87 -14.68 19.56
N LYS B 17 -20.51 -14.93 18.31
CA LYS B 17 -21.47 -15.09 17.24
C LYS B 17 -21.40 -16.46 16.57
N PHE B 18 -20.22 -17.06 16.44
CA PHE B 18 -20.12 -18.39 15.85
C PHE B 18 -18.94 -19.15 16.46
N THR B 19 -19.12 -20.45 16.64
CA THR B 19 -18.03 -21.37 16.96
C THR B 19 -17.87 -22.29 15.74
N LEU B 20 -16.64 -22.41 15.26
CA LEU B 20 -16.35 -23.06 13.99
C LEU B 20 -15.55 -24.32 14.30
N ALA B 21 -16.16 -25.49 14.05
CA ALA B 21 -15.53 -26.77 14.37
C ALA B 21 -15.13 -27.50 13.09
N GLY B 22 -14.05 -28.26 13.18
CA GLY B 22 -13.60 -29.00 12.01
C GLY B 22 -12.17 -29.51 12.08
N HIS B 23 -11.26 -28.76 12.69
CA HIS B 23 -9.90 -29.25 12.83
C HIS B 23 -9.86 -30.40 13.82
N THR B 24 -9.10 -31.44 13.48
CA THR B 24 -8.99 -32.65 14.29
C THR B 24 -7.83 -32.60 15.27
N LYS B 25 -7.01 -31.54 15.24
CA LYS B 25 -5.99 -31.29 16.25
C LYS B 25 -5.99 -29.81 16.58
N ALA B 26 -5.13 -29.40 17.51
CA ALA B 26 -5.00 -28.00 17.84
C ALA B 26 -4.91 -27.12 16.58
N VAL B 27 -5.51 -25.97 16.66
CA VAL B 27 -5.35 -24.97 15.60
C VAL B 27 -4.21 -24.05 15.99
N SER B 28 -3.43 -23.59 15.00
CA SER B 28 -2.22 -22.80 15.25
C SER B 28 -2.32 -21.33 14.85
N SER B 29 -3.11 -20.99 13.82
CA SER B 29 -3.14 -19.62 13.34
C SER B 29 -4.41 -19.37 12.54
N VAL B 30 -5.10 -18.27 12.82
CA VAL B 30 -6.22 -17.81 12.01
C VAL B 30 -5.90 -16.41 11.45
N LYS B 31 -6.31 -16.14 10.20
CA LYS B 31 -6.10 -14.83 9.57
C LYS B 31 -7.26 -14.48 8.65
N PHE B 32 -7.76 -13.25 8.74
CA PHE B 32 -8.78 -12.78 7.80
C PHE B 32 -8.16 -12.39 6.47
N SER B 33 -8.85 -12.69 5.38
CA SER B 33 -8.38 -12.24 4.08
C SER B 33 -8.42 -10.71 4.03
N PRO B 34 -7.50 -10.10 3.29
CA PRO B 34 -7.49 -8.63 3.21
C PRO B 34 -8.79 -8.04 2.65
N ASN B 35 -9.54 -8.78 1.85
CA ASN B 35 -10.83 -8.27 1.38
C ASN B 35 -11.98 -8.53 2.38
N GLY B 36 -11.66 -8.99 3.59
CA GLY B 36 -12.64 -9.10 4.65
C GLY B 36 -13.63 -10.23 4.51
N GLU B 37 -13.49 -11.08 3.48
CA GLU B 37 -14.48 -12.06 3.08
C GLU B 37 -14.27 -13.42 3.74
N TRP B 38 -13.02 -13.83 3.94
CA TRP B 38 -12.73 -15.16 4.43
C TRP B 38 -11.93 -15.12 5.73
N LEU B 39 -11.98 -16.22 6.45
CA LEU B 39 -11.04 -16.49 7.53
C LEU B 39 -10.34 -17.79 7.20
N ALA B 40 -9.01 -17.78 7.24
CA ALA B 40 -8.21 -18.97 7.03
C ALA B 40 -7.68 -19.46 8.37
N SER B 41 -7.64 -20.78 8.55
CA SER B 41 -7.09 -21.35 9.77
C SER B 41 -6.12 -22.46 9.40
N SER B 42 -5.01 -22.51 10.13
CA SER B 42 -4.05 -23.60 9.98
C SER B 42 -4.05 -24.43 11.26
N SER B 43 -3.61 -25.67 11.16
CA SER B 43 -3.70 -26.56 12.32
C SER B 43 -2.58 -27.58 12.32
N ALA B 44 -2.34 -28.14 13.51
CA ALA B 44 -1.45 -29.30 13.67
C ALA B 44 -1.96 -30.52 12.92
N ASP B 45 -3.21 -30.51 12.46
CA ASP B 45 -3.76 -31.63 11.73
C ASP B 45 -3.34 -31.66 10.28
N LYS B 46 -2.41 -30.78 9.88
CA LYS B 46 -1.78 -30.67 8.56
C LYS B 46 -2.67 -29.96 7.54
N LEU B 47 -3.74 -29.31 7.98
CA LEU B 47 -4.75 -28.77 7.08
C LEU B 47 -4.87 -27.27 7.22
N ILE B 48 -5.34 -26.65 6.15
CA ILE B 48 -5.84 -25.28 6.17
C ILE B 48 -7.32 -25.34 5.84
N LYS B 49 -8.13 -24.63 6.63
CA LYS B 49 -9.55 -24.53 6.36
C LYS B 49 -9.91 -23.07 6.07
N ILE B 50 -10.89 -22.89 5.18
CA ILE B 50 -11.40 -21.58 4.80
C ILE B 50 -12.84 -21.47 5.29
N TRP B 51 -13.15 -20.35 5.94
CA TRP B 51 -14.47 -20.08 6.50
C TRP B 51 -14.93 -18.70 6.05
N GLY B 52 -16.25 -18.56 5.88
CA GLY B 52 -16.84 -17.26 5.66
C GLY B 52 -16.65 -16.37 6.87
N ALA B 53 -16.17 -15.15 6.64
CA ALA B 53 -15.76 -14.29 7.75
C ALA B 53 -16.95 -13.78 8.55
N TYR B 54 -18.11 -13.58 7.90
CA TYR B 54 -19.23 -12.90 8.51
C TYR B 54 -20.29 -13.84 9.08
N ASP B 55 -20.56 -14.97 8.40
CA ASP B 55 -21.50 -15.98 8.89
C ASP B 55 -20.84 -17.17 9.55
N GLY B 56 -19.54 -17.38 9.30
CA GLY B 56 -18.82 -18.51 9.87
C GLY B 56 -18.91 -19.79 9.08
N LYS B 57 -19.49 -19.77 7.89
CA LYS B 57 -19.78 -21.02 7.20
C LYS B 57 -18.51 -21.63 6.64
N PHE B 58 -18.40 -22.96 6.79
CA PHE B 58 -17.25 -23.67 6.27
C PHE B 58 -17.27 -23.65 4.75
N GLU B 59 -16.12 -23.37 4.16
CA GLU B 59 -16.01 -23.22 2.71
C GLU B 59 -15.21 -24.32 2.06
N LYS B 60 -14.02 -24.63 2.56
CA LYS B 60 -13.22 -25.68 1.93
C LYS B 60 -12.07 -26.06 2.85
N THR B 61 -11.53 -27.24 2.58
CA THR B 61 -10.33 -27.73 3.23
C THR B 61 -9.21 -27.68 2.21
N ILE B 62 -8.02 -27.29 2.65
CA ILE B 62 -6.85 -27.23 1.79
C ILE B 62 -5.77 -28.10 2.40
N SER B 63 -5.28 -29.08 1.63
CA SER B 63 -4.37 -30.08 2.14
C SER B 63 -3.18 -30.26 1.19
N GLY B 64 -2.08 -30.73 1.76
CA GLY B 64 -0.90 -31.05 0.98
C GLY B 64 0.33 -31.17 1.84
N HIS B 65 0.33 -30.53 3.00
CA HIS B 65 1.48 -30.64 3.89
C HIS B 65 1.57 -32.03 4.51
N LYS B 66 2.80 -32.48 4.75
CA LYS B 66 3.06 -33.79 5.34
C LYS B 66 3.10 -33.77 6.85
N LEU B 67 3.22 -32.61 7.48
CA LEU B 67 3.20 -32.51 8.93
C LEU B 67 2.41 -31.26 9.31
N GLY B 68 2.37 -30.96 10.61
CA GLY B 68 1.56 -29.87 11.10
C GLY B 68 2.00 -28.53 10.54
N ILE B 69 1.05 -27.58 10.56
CA ILE B 69 1.23 -26.23 10.04
C ILE B 69 1.16 -25.23 11.20
N SER B 70 2.14 -24.35 11.30
CA SER B 70 2.20 -23.40 12.41
C SER B 70 1.67 -22.02 12.06
N ASP B 71 1.53 -21.68 10.78
CA ASP B 71 1.20 -20.31 10.41
C ASP B 71 0.62 -20.29 9.01
N VAL B 72 -0.17 -19.26 8.74
CA VAL B 72 -0.79 -19.08 7.44
C VAL B 72 -0.90 -17.58 7.21
N ALA B 73 -0.92 -17.19 5.94
CA ALA B 73 -0.91 -15.78 5.59
C ALA B 73 -1.47 -15.59 4.18
N TRP B 74 -2.10 -14.45 3.97
CA TRP B 74 -2.79 -14.09 2.74
C TRP B 74 -1.99 -13.08 1.92
N SER B 75 -2.01 -13.23 0.60
CA SER B 75 -1.56 -12.15 -0.27
C SER B 75 -2.53 -10.98 -0.24
N SER B 76 -2.03 -9.81 -0.62
CA SER B 76 -2.83 -8.58 -0.48
C SER B 76 -4.11 -8.62 -1.31
N ASP B 77 -4.11 -9.30 -2.45
CA ASP B 77 -5.31 -9.38 -3.26
C ASP B 77 -6.22 -10.55 -2.89
N SER B 78 -6.03 -11.14 -1.70
CA SER B 78 -6.84 -12.22 -1.14
C SER B 78 -6.90 -13.48 -2.02
N ASN B 79 -6.08 -13.58 -3.06
CA ASN B 79 -6.13 -14.73 -3.96
C ASN B 79 -5.14 -15.83 -3.59
N LEU B 80 -4.15 -15.55 -2.74
CA LEU B 80 -3.14 -16.55 -2.42
C LEU B 80 -3.02 -16.71 -0.90
N LEU B 81 -2.63 -17.92 -0.52
CA LEU B 81 -2.17 -18.25 0.82
C LEU B 81 -0.76 -18.80 0.77
N VAL B 82 -0.03 -18.61 1.87
CA VAL B 82 1.22 -19.29 2.14
C VAL B 82 1.11 -19.91 3.52
N SER B 83 1.68 -21.11 3.69
CA SER B 83 1.63 -21.83 4.96
C SER B 83 3.04 -22.25 5.37
N ALA B 84 3.31 -22.20 6.68
CA ALA B 84 4.59 -22.65 7.25
C ALA B 84 4.36 -23.95 8.04
N SER B 85 5.13 -24.99 7.74
CA SER B 85 4.81 -26.34 8.21
C SER B 85 6.01 -27.00 8.88
N ASP B 86 5.72 -28.03 9.68
CA ASP B 86 6.79 -28.81 10.29
C ASP B 86 7.50 -29.70 9.29
N ASP B 87 6.97 -29.86 8.06
CA ASP B 87 7.67 -30.61 7.03
C ASP B 87 8.81 -29.81 6.37
N LYS B 88 9.22 -28.68 6.95
CA LYS B 88 10.37 -27.87 6.54
C LYS B 88 10.13 -27.10 5.24
N THR B 89 8.90 -27.12 4.72
CA THR B 89 8.57 -26.37 3.52
C THR B 89 7.53 -25.30 3.85
N LEU B 90 7.47 -24.29 3.00
CA LEU B 90 6.27 -23.47 2.91
C LEU B 90 5.55 -23.86 1.63
N LYS B 91 4.24 -23.61 1.59
CA LYS B 91 3.48 -23.85 0.38
C LYS B 91 2.67 -22.62 0.05
N ILE B 92 2.60 -22.30 -1.24
CA ILE B 92 1.76 -21.22 -1.75
C ILE B 92 0.53 -21.85 -2.37
N TRP B 93 -0.65 -21.33 -2.04
CA TRP B 93 -1.91 -21.93 -2.44
C TRP B 93 -2.74 -20.95 -3.26
N ASP B 94 -3.41 -21.46 -4.29
CA ASP B 94 -4.49 -20.74 -4.95
C ASP B 94 -5.77 -21.01 -4.17
N VAL B 95 -6.38 -19.95 -3.64
CA VAL B 95 -7.49 -20.14 -2.73
C VAL B 95 -8.74 -20.66 -3.45
N SER B 96 -8.99 -20.19 -4.67
CA SER B 96 -10.23 -20.60 -5.34
C SER B 96 -10.17 -22.08 -5.73
N SER B 97 -9.02 -22.56 -6.21
CA SER B 97 -8.89 -23.95 -6.62
C SER B 97 -8.39 -24.87 -5.51
N GLY B 98 -7.83 -24.32 -4.43
CA GLY B 98 -7.19 -25.12 -3.40
C GLY B 98 -5.87 -25.74 -3.79
N LYS B 99 -5.40 -25.53 -5.03
CA LYS B 99 -4.20 -26.21 -5.53
C LYS B 99 -2.92 -25.59 -4.96
N CYS B 100 -1.92 -26.44 -4.73
CA CYS B 100 -0.60 -26.01 -4.29
C CYS B 100 0.17 -25.49 -5.51
N LEU B 101 0.36 -24.17 -5.57
CA LEU B 101 1.06 -23.55 -6.70
C LEU B 101 2.56 -23.78 -6.64
N LYS B 102 3.14 -23.68 -5.44
CA LYS B 102 4.57 -23.82 -5.25
C LYS B 102 4.80 -24.43 -3.88
N THR B 103 5.91 -25.14 -3.75
CA THR B 103 6.44 -25.60 -2.48
C THR B 103 7.82 -24.97 -2.29
N LEU B 104 8.01 -24.26 -1.19
CA LEU B 104 9.21 -23.45 -0.94
C LEU B 104 10.16 -24.25 -0.06
N LYS B 105 11.23 -24.79 -0.65
CA LYS B 105 12.13 -25.70 0.05
C LYS B 105 13.48 -25.05 0.32
N GLY B 106 14.03 -25.28 1.50
CA GLY B 106 15.31 -24.70 1.83
C GLY B 106 15.62 -24.63 3.32
N HIS B 107 14.61 -24.34 4.14
CA HIS B 107 14.81 -24.40 5.59
C HIS B 107 15.20 -25.83 5.97
N SER B 108 16.07 -25.94 6.98
CA SER B 108 16.58 -27.23 7.41
C SER B 108 15.91 -27.73 8.68
N ASN B 109 14.69 -27.28 8.95
CA ASN B 109 13.96 -27.56 10.17
C ASN B 109 12.57 -26.95 10.08
N TYR B 110 11.74 -27.17 11.09
CA TYR B 110 10.36 -26.70 11.07
C TYR B 110 10.28 -25.23 10.63
N VAL B 111 9.31 -24.92 9.79
CA VAL B 111 8.99 -23.54 9.45
C VAL B 111 7.87 -23.08 10.38
N PHE B 112 8.13 -22.02 11.13
CA PHE B 112 7.29 -21.61 12.24
C PHE B 112 6.35 -20.44 11.90
N CYS B 113 6.74 -19.54 11.01
CA CYS B 113 5.98 -18.31 10.80
C CYS B 113 6.24 -17.80 9.38
N CYS B 114 5.27 -17.04 8.85
CA CYS B 114 5.32 -16.58 7.46
C CYS B 114 4.42 -15.37 7.23
N ASN B 115 4.73 -14.62 6.17
CA ASN B 115 3.98 -13.42 5.80
C ASN B 115 4.36 -12.98 4.38
N PHE B 116 3.37 -12.53 3.62
CA PHE B 116 3.66 -11.77 2.41
C PHE B 116 4.04 -10.34 2.78
N ASN B 117 4.83 -9.70 1.92
CA ASN B 117 4.93 -8.25 1.98
C ASN B 117 3.66 -7.64 1.38
N PRO B 118 3.41 -6.35 1.59
CA PRO B 118 2.20 -5.74 1.02
C PRO B 118 2.08 -5.94 -0.48
N GLN B 119 3.16 -5.70 -1.23
CA GLN B 119 3.18 -5.98 -2.66
C GLN B 119 2.80 -7.43 -2.97
N SER B 120 3.10 -8.36 -2.06
CA SER B 120 2.87 -9.79 -2.20
C SER B 120 3.70 -10.41 -3.32
N ASN B 121 4.81 -9.78 -3.68
CA ASN B 121 5.78 -10.42 -4.54
C ASN B 121 6.83 -11.19 -3.75
N LEU B 122 6.89 -10.98 -2.43
CA LEU B 122 7.81 -11.71 -1.56
C LEU B 122 7.08 -12.43 -0.45
N ILE B 123 7.72 -13.47 0.08
CA ILE B 123 7.31 -14.11 1.31
C ILE B 123 8.51 -14.11 2.25
N VAL B 124 8.28 -13.76 3.51
CA VAL B 124 9.28 -13.94 4.55
C VAL B 124 8.86 -15.13 5.43
N SER B 125 9.84 -15.92 5.84
CA SER B 125 9.59 -17.09 6.67
C SER B 125 10.61 -17.13 7.79
N GLY B 126 10.22 -17.72 8.92
CA GLY B 126 11.12 -17.91 10.02
C GLY B 126 11.03 -19.38 10.50
N SER B 127 12.16 -19.91 10.91
CA SER B 127 12.23 -21.37 11.12
C SER B 127 12.95 -21.71 12.42
N PHE B 128 12.64 -22.92 12.94
CA PHE B 128 13.45 -23.46 14.02
C PHE B 128 14.92 -23.59 13.63
N ASP B 129 15.25 -23.60 12.33
CA ASP B 129 16.65 -23.63 11.93
C ASP B 129 17.37 -22.32 12.21
N GLU B 130 16.69 -21.32 12.77
CA GLU B 130 17.22 -20.06 13.31
C GLU B 130 17.38 -19.01 12.22
N SER B 131 17.02 -19.30 10.97
CA SER B 131 17.17 -18.35 9.90
C SER B 131 15.85 -17.67 9.53
N VAL B 132 15.96 -16.51 8.90
CA VAL B 132 14.85 -15.87 8.21
C VAL B 132 15.15 -15.97 6.72
N ARG B 133 14.15 -16.32 5.92
CA ARG B 133 14.34 -16.41 4.48
C ARG B 133 13.31 -15.54 3.76
N ILE B 134 13.75 -14.96 2.65
CA ILE B 134 12.92 -14.15 1.77
C ILE B 134 12.80 -14.88 0.44
N TRP B 135 11.57 -15.05 -0.04
CA TRP B 135 11.26 -15.92 -1.15
C TRP B 135 10.55 -15.14 -2.23
N ASP B 136 10.75 -15.57 -3.48
CA ASP B 136 10.06 -14.96 -4.60
C ASP B 136 8.74 -15.69 -4.81
N VAL B 137 7.64 -14.95 -4.81
CA VAL B 137 6.33 -15.59 -4.93
C VAL B 137 6.16 -16.22 -6.30
N LYS B 138 6.57 -15.50 -7.35
CA LYS B 138 6.28 -15.96 -8.72
C LYS B 138 7.02 -17.25 -9.04
N THR B 139 8.28 -17.33 -8.64
CA THR B 139 9.12 -18.48 -8.96
C THR B 139 9.28 -19.46 -7.81
N GLY B 140 9.00 -19.05 -6.57
CA GLY B 140 9.27 -19.92 -5.45
C GLY B 140 10.73 -20.06 -5.08
N LYS B 141 11.63 -19.28 -5.68
CA LYS B 141 13.03 -19.39 -5.33
C LYS B 141 13.33 -18.59 -4.06
N CYS B 142 14.16 -19.18 -3.19
CA CYS B 142 14.71 -18.43 -2.07
C CYS B 142 15.61 -17.32 -2.61
N LEU B 143 15.32 -16.08 -2.24
CA LEU B 143 16.12 -14.95 -2.68
C LEU B 143 17.24 -14.59 -1.71
N LYS B 144 17.03 -14.76 -0.41
CA LYS B 144 18.02 -14.42 0.61
C LYS B 144 17.80 -15.29 1.84
N THR B 145 18.88 -15.66 2.50
CA THR B 145 18.82 -16.31 3.80
C THR B 145 19.55 -15.45 4.80
N LEU B 146 18.82 -14.94 5.80
CA LEU B 146 19.39 -14.13 6.86
C LEU B 146 19.76 -15.01 8.04
N PRO B 147 21.00 -15.02 8.51
CA PRO B 147 21.33 -15.72 9.75
C PRO B 147 20.84 -14.89 10.93
N ALA B 148 19.51 -14.90 11.12
CA ALA B 148 18.87 -13.85 11.88
C ALA B 148 19.04 -13.99 13.39
N HIS B 149 19.11 -15.22 13.89
CA HIS B 149 19.00 -15.45 15.34
C HIS B 149 19.80 -16.68 15.72
N SER B 150 19.91 -16.92 17.02
CA SER B 150 20.62 -18.09 17.54
C SER B 150 19.68 -19.07 18.25
N ASP B 151 18.39 -19.04 17.90
CA ASP B 151 17.39 -19.95 18.45
C ASP B 151 16.18 -19.91 17.52
N PRO B 152 15.19 -20.78 17.72
CA PRO B 152 14.01 -20.76 16.85
C PRO B 152 13.45 -19.35 16.68
N VAL B 153 12.99 -19.07 15.48
CA VAL B 153 12.44 -17.77 15.11
C VAL B 153 10.92 -17.83 15.23
N SER B 154 10.36 -17.00 16.13
CA SER B 154 8.94 -17.09 16.49
C SER B 154 8.00 -16.26 15.62
N ALA B 155 8.48 -15.20 14.98
CA ALA B 155 7.61 -14.34 14.20
C ALA B 155 8.42 -13.59 13.15
N VAL B 156 7.80 -13.35 11.98
CA VAL B 156 8.35 -12.48 10.94
C VAL B 156 7.21 -11.64 10.37
N HIS B 157 7.48 -10.36 10.10
CA HIS B 157 6.44 -9.44 9.62
C HIS B 157 7.08 -8.32 8.81
N PHE B 158 6.43 -7.94 7.71
CA PHE B 158 6.80 -6.78 6.91
C PHE B 158 6.10 -5.52 7.43
N ASN B 159 6.76 -4.38 7.28
CA ASN B 159 6.04 -3.15 7.59
C ASN B 159 5.13 -2.77 6.43
N ARG B 160 4.45 -1.65 6.57
CA ARG B 160 3.34 -1.34 5.70
C ARG B 160 3.77 -1.02 4.27
N ASP B 161 5.02 -0.60 4.05
CA ASP B 161 5.47 -0.41 2.66
C ASP B 161 6.38 -1.52 2.17
N GLY B 162 6.67 -2.54 2.99
CA GLY B 162 7.45 -3.68 2.57
C GLY B 162 8.97 -3.53 2.66
N SER B 163 9.47 -2.37 3.08
CA SER B 163 10.91 -2.16 3.06
C SER B 163 11.60 -2.64 4.32
N LEU B 164 10.84 -3.02 5.36
CA LEU B 164 11.41 -3.52 6.59
C LEU B 164 10.76 -4.84 6.95
N ILE B 165 11.57 -5.73 7.51
CA ILE B 165 11.12 -6.98 8.13
C ILE B 165 11.50 -6.92 9.61
N VAL B 166 10.58 -7.35 10.47
CA VAL B 166 10.90 -7.49 11.89
C VAL B 166 10.81 -8.96 12.27
N SER B 167 11.77 -9.42 13.06
CA SER B 167 11.82 -10.81 13.46
C SER B 167 11.98 -10.91 14.96
N SER B 168 11.59 -12.06 15.51
CA SER B 168 11.68 -12.32 16.94
C SER B 168 12.09 -13.76 17.15
N SER B 169 12.65 -14.06 18.32
CA SER B 169 13.24 -15.38 18.49
C SER B 169 13.26 -15.76 19.97
N TYR B 170 13.28 -17.08 20.20
CA TYR B 170 13.55 -17.59 21.54
C TYR B 170 14.94 -17.20 22.05
N ASP B 171 15.82 -16.68 21.20
CA ASP B 171 17.14 -16.25 21.66
C ASP B 171 17.08 -14.96 22.45
N GLY B 172 15.90 -14.34 22.52
CA GLY B 172 15.72 -13.12 23.25
C GLY B 172 15.83 -11.86 22.43
N LEU B 173 16.02 -11.96 21.12
CA LEU B 173 16.22 -10.78 20.31
C LEU B 173 15.00 -10.44 19.46
N CYS B 174 14.82 -9.16 19.21
CA CYS B 174 13.96 -8.69 18.14
C CYS B 174 14.80 -7.80 17.23
N ARG B 175 14.80 -8.09 15.93
CA ARG B 175 15.62 -7.38 14.98
C ARG B 175 14.78 -6.88 13.81
N ILE B 176 15.18 -5.72 13.27
CA ILE B 176 14.57 -5.14 12.09
C ILE B 176 15.57 -5.20 10.95
N TRP B 177 15.11 -5.69 9.81
CA TRP B 177 15.92 -5.96 8.64
C TRP B 177 15.51 -5.06 7.49
N ASP B 178 16.49 -4.71 6.68
CA ASP B 178 16.23 -4.01 5.43
C ASP B 178 15.87 -5.03 4.37
N THR B 179 14.65 -4.96 3.83
CA THR B 179 14.20 -5.99 2.91
C THR B 179 15.13 -6.12 1.72
N ALA B 180 15.50 -4.98 1.11
CA ALA B 180 16.22 -5.01 -0.16
C ALA B 180 17.60 -5.65 -0.02
N SER B 181 18.32 -5.32 1.05
CA SER B 181 19.71 -5.76 1.20
C SER B 181 19.87 -6.93 2.16
N GLY B 182 18.87 -7.21 2.99
CA GLY B 182 18.98 -8.22 4.00
C GLY B 182 19.71 -7.79 5.24
N GLN B 183 20.20 -6.55 5.30
CA GLN B 183 21.03 -6.13 6.42
C GLN B 183 20.18 -5.79 7.63
N CYS B 184 20.73 -6.10 8.81
CA CYS B 184 20.08 -5.78 10.07
C CYS B 184 20.21 -4.30 10.36
N LEU B 185 19.08 -3.65 10.64
CA LEU B 185 19.05 -2.20 10.87
C LEU B 185 19.10 -1.85 12.35
N LYS B 186 18.50 -2.65 13.23
CA LYS B 186 18.78 -2.54 14.66
C LYS B 186 18.25 -3.77 15.39
N THR B 187 18.65 -3.89 16.65
CA THR B 187 18.19 -4.91 17.60
C THR B 187 17.56 -4.20 18.79
N LEU B 188 16.38 -4.66 19.24
CA LEU B 188 15.76 -4.14 20.47
C LEU B 188 15.89 -5.20 21.56
N ILE B 189 17.04 -5.21 22.22
CA ILE B 189 17.28 -6.11 23.37
C ILE B 189 17.05 -5.37 24.71
N ASP B 191 20.08 -9.95 27.70
CA ASP B 191 20.79 -11.08 27.09
C ASP B 191 19.97 -12.38 27.19
N ASP B 192 19.50 -12.71 28.39
CA ASP B 192 18.46 -13.73 28.56
C ASP B 192 17.29 -13.43 27.63
N ASN B 193 16.55 -12.37 27.97
CA ASN B 193 15.50 -11.67 27.24
C ASN B 193 14.21 -12.50 27.15
N PRO B 194 13.73 -12.93 28.31
CA PRO B 194 12.43 -13.61 28.46
C PRO B 194 11.80 -14.13 27.18
N PRO B 195 12.48 -15.03 26.41
CA PRO B 195 12.18 -15.24 24.97
C PRO B 195 11.23 -14.27 24.27
N VAL B 196 11.52 -13.81 23.07
CA VAL B 196 10.57 -12.98 22.33
C VAL B 196 9.72 -13.89 21.45
N SER B 197 8.43 -13.95 21.74
CA SER B 197 7.53 -14.96 21.18
C SER B 197 6.64 -14.44 20.06
N PHE B 198 6.55 -13.12 19.87
CA PHE B 198 5.72 -12.59 18.81
C PHE B 198 6.07 -11.13 18.56
N VAL B 199 5.99 -10.74 17.30
CA VAL B 199 6.34 -9.39 16.91
C VAL B 199 5.50 -9.03 15.69
N LYS B 200 5.03 -7.78 15.62
CA LYS B 200 4.49 -7.26 14.35
C LYS B 200 4.45 -5.74 14.39
N PHE B 201 4.41 -5.17 13.20
CA PHE B 201 4.35 -3.72 13.03
C PHE B 201 2.93 -3.21 13.30
N SER B 202 2.84 -1.98 13.78
CA SER B 202 1.56 -1.29 13.83
C SER B 202 1.14 -0.90 12.42
N PRO B 203 -0.17 -0.71 12.20
CA PRO B 203 -0.62 -0.38 10.84
C PRO B 203 0.05 0.86 10.27
N ASN B 204 0.55 1.77 11.10
CA ASN B 204 1.22 2.97 10.64
C ASN B 204 2.74 2.82 10.55
N GLY B 205 3.29 1.65 10.86
CA GLY B 205 4.71 1.39 10.65
C GLY B 205 5.65 1.96 11.70
N LYS B 206 5.14 2.78 12.62
CA LYS B 206 6.04 3.40 13.59
C LYS B 206 6.25 2.54 14.84
N TYR B 207 5.26 1.80 15.28
CA TYR B 207 5.43 0.99 16.48
C TYR B 207 5.58 -0.48 16.13
N ILE B 208 6.13 -1.21 17.07
CA ILE B 208 6.25 -2.66 17.01
C ILE B 208 5.67 -3.21 18.31
N LEU B 209 4.76 -4.17 18.19
CA LEU B 209 4.20 -4.85 19.35
C LEU B 209 4.94 -6.16 19.56
N ALA B 210 5.46 -6.37 20.76
CA ALA B 210 6.31 -7.51 21.05
C ALA B 210 5.79 -8.28 22.27
N ALA B 211 5.71 -9.59 22.13
CA ALA B 211 5.35 -10.48 23.22
C ALA B 211 6.60 -11.17 23.73
N THR B 212 6.80 -11.14 25.05
CA THR B 212 7.81 -11.94 25.71
C THR B 212 7.16 -13.00 26.59
N LEU B 213 7.84 -14.13 26.74
CA LEU B 213 7.28 -15.24 27.50
C LEU B 213 7.44 -15.03 29.00
N ASP B 214 7.05 -13.86 29.48
CA ASP B 214 6.93 -13.56 30.90
C ASP B 214 5.61 -12.86 31.17
N ASN B 215 4.58 -13.22 30.42
CA ASN B 215 3.23 -12.65 30.58
C ASN B 215 3.20 -11.16 30.30
N THR B 216 3.93 -10.71 29.27
CA THR B 216 4.04 -9.29 28.98
C THR B 216 3.91 -9.00 27.48
N LEU B 217 3.15 -7.97 27.14
CA LEU B 217 3.18 -7.36 25.82
C LEU B 217 3.68 -5.92 25.94
N LYS B 218 4.44 -5.47 24.94
CA LYS B 218 5.05 -4.14 24.97
C LYS B 218 4.88 -3.47 23.61
N LEU B 219 4.54 -2.18 23.63
CA LEU B 219 4.51 -1.34 22.43
C LEU B 219 5.81 -0.56 22.35
N TRP B 220 6.57 -0.77 21.28
CA TRP B 220 7.87 -0.14 21.09
C TRP B 220 7.80 0.91 20.00
N ASP B 221 8.36 2.09 20.25
CA ASP B 221 8.62 3.06 19.20
C ASP B 221 9.85 2.57 18.44
N TYR B 222 9.65 2.09 17.22
CA TYR B 222 10.76 1.52 16.47
C TYR B 222 11.84 2.56 16.19
N SER B 223 11.44 3.80 15.92
CA SER B 223 12.41 4.82 15.52
C SER B 223 13.38 5.15 16.64
N LYS B 224 12.90 5.17 17.89
CA LYS B 224 13.72 5.52 19.04
C LYS B 224 14.17 4.34 19.87
N GLY B 225 13.63 3.14 19.62
CA GLY B 225 14.00 1.98 20.42
C GLY B 225 13.59 2.07 21.88
N LYS B 226 12.42 2.61 22.17
CA LYS B 226 11.96 2.81 23.54
C LYS B 226 10.59 2.17 23.74
N CYS B 227 10.37 1.62 24.93
CA CYS B 227 9.10 1.01 25.26
C CYS B 227 8.13 2.08 25.73
N LEU B 228 6.99 2.16 25.07
CA LEU B 228 5.98 3.18 25.31
C LEU B 228 4.82 2.68 26.14
N LYS B 229 4.43 1.42 25.96
CA LYS B 229 3.34 0.84 26.71
C LYS B 229 3.70 -0.58 27.08
N THR B 230 3.15 -1.03 28.20
CA THR B 230 3.28 -2.40 28.65
C THR B 230 1.88 -2.89 29.01
N TYR B 231 1.48 -4.03 28.47
CA TYR B 231 0.14 -4.57 28.68
C TYR B 231 0.28 -5.91 29.38
N THR B 232 -0.34 -6.05 30.55
CA THR B 232 -0.28 -7.28 31.35
C THR B 232 -1.67 -7.66 31.81
N GLY B 233 -1.72 -8.79 32.52
CA GLY B 233 -2.97 -9.35 32.99
C GLY B 233 -3.18 -10.76 32.50
N HIS B 234 -2.84 -11.01 31.23
CA HIS B 234 -2.99 -12.32 30.62
C HIS B 234 -1.84 -13.23 31.03
N LYS B 235 -1.89 -14.47 30.55
CA LYS B 235 -0.91 -15.49 30.89
C LYS B 235 -0.18 -15.92 29.63
N ASN B 236 1.15 -15.71 29.58
CA ASN B 236 1.90 -16.11 28.39
C ASN B 236 3.32 -16.49 28.81
N GLU B 237 3.52 -17.78 29.10
CA GLU B 237 4.83 -18.29 29.49
C GLU B 237 5.36 -19.41 28.60
N LYS B 238 4.57 -19.91 27.67
CA LYS B 238 4.91 -21.18 27.02
C LYS B 238 4.69 -21.19 25.54
N TYR B 239 3.69 -20.50 24.99
CA TYR B 239 3.36 -20.60 23.58
C TYR B 239 3.58 -19.26 22.87
N CYS B 240 3.86 -19.34 21.58
CA CYS B 240 4.00 -18.12 20.78
C CYS B 240 2.61 -17.68 20.33
N ILE B 241 2.04 -16.74 21.07
CA ILE B 241 0.67 -16.30 20.87
C ILE B 241 0.65 -15.10 19.93
N PHE B 242 -0.26 -15.12 18.96
CA PHE B 242 -0.49 -13.97 18.10
C PHE B 242 -1.19 -12.84 18.84
N ALA B 243 -0.70 -11.62 18.66
CA ALA B 243 -1.39 -10.40 19.10
C ALA B 243 -1.65 -9.49 17.91
N ASN B 244 -2.52 -8.50 18.11
CA ASN B 244 -3.00 -7.65 17.02
C ASN B 244 -3.24 -6.25 17.52
N PHE B 245 -3.23 -5.31 16.58
CA PHE B 245 -3.88 -4.03 16.76
C PHE B 245 -5.29 -4.14 16.23
N SER B 246 -6.27 -3.61 16.96
CA SER B 246 -7.64 -3.47 16.46
C SER B 246 -7.88 -1.99 16.17
N VAL B 247 -8.20 -1.66 14.92
CA VAL B 247 -8.28 -0.26 14.49
C VAL B 247 -9.59 0.09 13.82
N THR B 248 -10.50 -0.86 13.66
CA THR B 248 -11.76 -0.56 12.97
C THR B 248 -12.70 0.28 13.85
N GLY B 249 -12.70 0.04 15.16
CA GLY B 249 -13.47 0.82 16.09
C GLY B 249 -12.55 1.49 17.10
N GLY B 250 -12.73 1.19 18.38
CA GLY B 250 -11.78 1.67 19.37
C GLY B 250 -10.40 1.07 19.16
N LYS B 251 -9.37 1.86 19.46
CA LYS B 251 -8.01 1.40 19.24
C LYS B 251 -7.60 0.47 20.38
N TRP B 252 -7.60 -0.83 20.11
CA TRP B 252 -7.27 -1.82 21.13
C TRP B 252 -6.01 -2.60 20.78
N ILE B 253 -5.49 -3.29 21.80
CA ILE B 253 -4.55 -4.40 21.65
C ILE B 253 -5.31 -5.69 21.97
N VAL B 254 -5.19 -6.68 21.08
CA VAL B 254 -5.88 -7.96 21.25
C VAL B 254 -4.86 -9.07 21.28
N SER B 255 -5.07 -10.05 22.17
CA SER B 255 -4.17 -11.18 22.28
C SER B 255 -4.93 -12.39 22.82
N GLY B 256 -4.44 -13.58 22.45
CA GLY B 256 -4.85 -14.79 23.12
C GLY B 256 -4.16 -14.93 24.46
N SER B 257 -4.45 -16.03 25.16
CA SER B 257 -3.87 -16.18 26.48
C SER B 257 -3.95 -17.63 26.92
N GLU B 258 -2.96 -18.02 27.73
CA GLU B 258 -2.84 -19.38 28.22
C GLU B 258 -3.87 -19.73 29.29
N ASP B 259 -4.69 -18.77 29.74
CA ASP B 259 -5.81 -19.03 30.65
C ASP B 259 -7.14 -19.15 29.91
N ASN B 260 -7.08 -19.40 28.60
CA ASN B 260 -8.21 -19.71 27.72
C ASN B 260 -9.09 -18.48 27.46
N LEU B 261 -8.61 -17.27 27.74
CA LEU B 261 -9.35 -16.06 27.47
C LEU B 261 -8.69 -15.27 26.34
N VAL B 262 -9.51 -14.54 25.59
CA VAL B 262 -9.04 -13.46 24.72
C VAL B 262 -8.95 -12.20 25.56
N TYR B 263 -7.84 -11.47 25.44
CA TYR B 263 -7.62 -10.25 26.21
C TYR B 263 -7.65 -9.04 25.29
N ILE B 264 -8.41 -8.02 25.67
CA ILE B 264 -8.48 -6.76 24.92
C ILE B 264 -8.13 -5.62 25.87
N TRP B 265 -7.11 -4.85 25.50
CA TRP B 265 -6.66 -3.71 26.27
C TRP B 265 -6.93 -2.41 25.52
N ASN B 266 -7.10 -1.35 26.30
CA ASN B 266 -7.07 -0.01 25.73
C ASN B 266 -5.64 0.29 25.33
N LEU B 267 -5.43 0.63 24.06
CA LEU B 267 -4.08 0.83 23.58
C LEU B 267 -3.38 1.93 24.35
N GLN B 268 -4.10 3.02 24.67
CA GLN B 268 -3.46 4.18 25.28
C GLN B 268 -3.29 4.03 26.78
N THR B 269 -4.31 3.56 27.48
CA THR B 269 -4.27 3.51 28.93
C THR B 269 -3.76 2.18 29.48
N LYS B 270 -3.57 1.17 28.63
CA LYS B 270 -3.05 -0.15 28.99
C LYS B 270 -3.97 -0.92 29.91
N GLU B 271 -5.14 -0.40 30.23
CA GLU B 271 -6.07 -1.10 31.10
C GLU B 271 -6.89 -2.10 30.29
N ILE B 272 -7.16 -3.26 30.90
CA ILE B 272 -8.00 -4.25 30.26
C ILE B 272 -9.40 -3.66 30.10
N VAL B 273 -9.94 -3.73 28.89
CA VAL B 273 -11.30 -3.28 28.64
C VAL B 273 -12.27 -4.42 28.43
N GLN B 274 -11.79 -5.63 28.12
CA GLN B 274 -12.66 -6.79 28.01
C GLN B 274 -11.82 -8.06 28.07
N LYS B 275 -12.42 -9.13 28.57
CA LYS B 275 -11.87 -10.48 28.51
C LYS B 275 -12.95 -11.39 27.93
N LEU B 276 -12.61 -12.14 26.89
CA LEU B 276 -13.59 -12.92 26.15
C LEU B 276 -13.56 -14.37 26.63
N GLN B 277 -14.72 -14.89 27.01
CA GLN B 277 -14.82 -16.16 27.72
C GLN B 277 -15.52 -17.19 26.82
N GLY B 278 -14.99 -18.42 26.81
CA GLY B 278 -15.62 -19.47 26.02
C GLY B 278 -14.71 -20.63 25.64
N HIS B 279 -13.46 -20.34 25.28
CA HIS B 279 -12.54 -21.38 24.85
C HIS B 279 -12.17 -22.28 26.01
N THR B 280 -11.80 -23.52 25.69
CA THR B 280 -11.51 -24.52 26.71
C THR B 280 -10.07 -25.02 26.61
N ASP B 281 -9.18 -24.22 26.04
CA ASP B 281 -7.74 -24.46 26.05
C ASP B 281 -7.09 -23.14 25.66
N VAL B 282 -5.75 -23.15 25.60
CA VAL B 282 -5.00 -21.94 25.34
C VAL B 282 -5.45 -21.29 24.05
N VAL B 283 -5.72 -19.98 24.10
CA VAL B 283 -6.07 -19.27 22.88
C VAL B 283 -4.76 -18.90 22.20
N ILE B 284 -4.37 -19.67 21.19
CA ILE B 284 -3.05 -19.56 20.59
C ILE B 284 -3.00 -18.43 19.56
N SER B 285 -4.14 -18.00 19.03
CA SER B 285 -4.16 -17.09 17.90
C SER B 285 -5.43 -16.26 17.96
N THR B 286 -5.28 -14.97 17.75
CA THR B 286 -6.37 -14.05 17.54
C THR B 286 -6.08 -13.25 16.27
N ALA B 287 -7.13 -12.68 15.69
CA ALA B 287 -7.06 -11.90 14.46
C ALA B 287 -8.22 -10.91 14.41
N CYS B 288 -7.98 -9.75 13.78
CA CYS B 288 -8.93 -8.66 13.71
C CYS B 288 -9.33 -8.40 12.26
N HIS B 289 -10.65 -8.38 12.00
CA HIS B 289 -11.18 -8.20 10.66
C HIS B 289 -10.74 -6.84 10.11
N PRO B 290 -10.51 -6.74 8.80
CA PRO B 290 -9.92 -5.52 8.24
C PRO B 290 -10.84 -4.32 8.24
N THR B 291 -12.17 -4.49 8.30
CA THR B 291 -13.07 -3.34 8.21
C THR B 291 -14.14 -3.37 9.28
N GLU B 292 -14.56 -4.56 9.70
CA GLU B 292 -15.59 -4.72 10.70
C GLU B 292 -14.99 -5.06 12.07
N ASN B 293 -15.73 -4.71 13.13
CA ASN B 293 -15.32 -5.03 14.50
C ASN B 293 -15.60 -6.51 14.78
N ILE B 294 -14.77 -7.35 14.16
CA ILE B 294 -14.88 -8.80 14.28
C ILE B 294 -13.52 -9.34 14.71
N ILE B 295 -13.53 -10.20 15.72
CA ILE B 295 -12.33 -10.90 16.18
C ILE B 295 -12.54 -12.39 15.94
N ALA B 296 -11.53 -13.04 15.39
CA ALA B 296 -11.46 -14.50 15.34
C ALA B 296 -10.42 -14.94 16.35
N SER B 297 -10.76 -15.97 17.12
CA SER B 297 -9.87 -16.55 18.12
C SER B 297 -9.82 -18.05 17.87
N ALA B 298 -8.74 -18.69 18.31
CA ALA B 298 -8.54 -20.11 18.03
C ALA B 298 -7.68 -20.75 19.13
N ALA B 299 -7.99 -21.99 19.49
CA ALA B 299 -7.47 -22.60 20.70
C ALA B 299 -6.86 -23.99 20.46
N LEU B 300 -6.20 -24.52 21.49
CA LEU B 300 -5.31 -25.68 21.36
C LEU B 300 -6.08 -27.00 21.55
N GLU B 301 -5.36 -28.07 21.94
CA GLU B 301 -5.80 -29.46 21.75
C GLU B 301 -7.12 -29.75 22.43
N ASN B 302 -7.35 -29.18 23.61
CA ASN B 302 -8.57 -29.49 24.35
C ASN B 302 -9.80 -28.85 23.72
N ASP B 303 -9.60 -27.90 22.81
CA ASP B 303 -10.67 -27.08 22.27
C ASP B 303 -10.81 -27.31 20.77
N LYS B 304 -9.79 -26.96 19.97
CA LYS B 304 -9.71 -27.17 18.51
C LYS B 304 -10.72 -26.32 17.73
N THR B 305 -11.36 -25.35 18.34
CA THR B 305 -12.33 -24.56 17.61
C THR B 305 -11.81 -23.14 17.35
N ILE B 306 -12.41 -22.52 16.35
CA ILE B 306 -12.29 -21.09 16.07
C ILE B 306 -13.59 -20.45 16.50
N LYS B 307 -13.50 -19.34 17.21
CA LYS B 307 -14.67 -18.57 17.57
C LYS B 307 -14.61 -17.19 16.89
N LEU B 308 -15.76 -16.72 16.41
CA LEU B 308 -15.91 -15.36 15.92
C LEU B 308 -16.70 -14.54 16.93
N TRP B 309 -16.23 -13.32 17.17
CA TRP B 309 -16.80 -12.39 18.13
C TRP B 309 -17.06 -11.07 17.42
N LYS B 310 -18.18 -10.44 17.75
CA LYS B 310 -18.59 -9.20 17.10
C LYS B 310 -18.93 -8.13 18.13
N SER B 311 -18.53 -6.91 17.83
CA SER B 311 -18.72 -5.76 18.70
C SER B 311 -19.41 -4.65 17.92
N ASP B 312 -20.05 -3.74 18.67
CA ASP B 312 -20.59 -2.53 18.04
C ASP B 312 -19.56 -1.42 17.93
N CYS B 313 -18.42 -1.56 18.58
CA CYS B 313 -17.37 -0.57 18.49
C CYS B 313 -16.02 -1.22 18.77
N CYS C 1 -9.98 24.00 -14.43
CA CYS C 1 -10.89 22.93 -13.97
C CYS C 1 -10.82 21.68 -14.85
N ARG C 2 -10.04 20.68 -14.41
CA ARG C 2 -9.62 19.61 -15.29
C ARG C 2 -10.78 18.76 -15.79
N THR C 3 -11.86 18.66 -15.03
CA THR C 3 -12.95 17.77 -15.43
C THR C 3 -13.85 18.37 -16.51
N LEU C 4 -13.57 19.59 -17.01
CA LEU C 4 -14.38 20.29 -18.01
C LEU C 4 -13.68 20.34 -19.36
N PRO C 5 -14.44 20.27 -20.48
CA PRO C 5 -13.82 20.08 -21.80
C PRO C 5 -13.36 21.37 -22.46
N PHE C 6 -13.02 21.27 -23.75
CA PHE C 6 -12.22 22.28 -24.46
C PHE C 6 -11.02 22.69 -23.62
N CYS D 1 5.19 -28.12 16.00
CA CYS D 1 5.40 -26.74 16.47
C CYS D 1 4.17 -25.88 16.72
N ARG D 2 4.49 -24.64 17.06
CA ARG D 2 3.65 -23.65 17.70
C ARG D 2 2.70 -24.22 18.75
N THR D 3 2.00 -25.31 18.44
CA THR D 3 1.06 -25.88 19.40
C THR D 3 1.72 -26.82 20.42
N LEU D 4 3.03 -26.69 20.63
CA LEU D 4 3.76 -27.44 21.64
C LEU D 4 4.48 -26.50 22.61
N PRO D 5 4.39 -26.74 23.93
CA PRO D 5 4.82 -25.73 24.90
C PRO D 5 6.32 -25.46 24.95
N PHE D 6 6.72 -24.66 25.93
CA PHE D 6 8.11 -24.24 26.20
C PHE D 6 8.68 -23.40 25.06
#